data_1KVG
#
_entry.id   1KVG
#
_entity_poly.entity_id   1
_entity_poly.type   'polypeptide(L)'
_entity_poly.pdbx_seq_one_letter_code
;SCHFGPLGWVCK(NH2)
;
_entity_poly.pdbx_strand_id   A
#
# COMPACT_ATOMS: atom_id res chain seq x y z
N SER A 1 1.57 -7.22 5.70
CA SER A 1 0.73 -7.04 4.51
C SER A 1 1.27 -5.94 3.59
N CYS A 2 1.15 -6.15 2.28
CA CYS A 2 1.50 -5.18 1.25
C CYS A 2 0.43 -5.20 0.16
N HIS A 3 0.04 -4.01 -0.30
CA HIS A 3 -1.11 -3.79 -1.16
C HIS A 3 -0.97 -2.45 -1.87
N PHE A 4 -1.92 -2.12 -2.75
CA PHE A 4 -2.03 -0.78 -3.33
C PHE A 4 -3.01 0.02 -2.48
N GLY A 5 -2.69 1.29 -2.20
CA GLY A 5 -3.49 2.16 -1.36
C GLY A 5 -3.34 3.62 -1.78
N PRO A 6 -3.76 4.57 -0.93
CA PRO A 6 -3.75 6.00 -1.21
C PRO A 6 -2.40 6.53 -1.66
N LEU A 7 -1.32 6.11 -1.00
CA LEU A 7 0.03 6.59 -1.26
C LEU A 7 0.77 5.56 -2.13
N GLY A 8 0.23 5.33 -3.33
CA GLY A 8 0.79 4.39 -4.29
C GLY A 8 0.75 2.98 -3.73
N TRP A 9 1.92 2.34 -3.60
CA TRP A 9 2.03 1.05 -2.93
C TRP A 9 2.18 1.29 -1.42
N VAL A 10 1.34 0.63 -0.62
CA VAL A 10 1.24 0.81 0.82
C VAL A 10 1.40 -0.56 1.49
N CYS A 11 2.13 -0.61 2.60
CA CYS A 11 2.30 -1.81 3.42
C CYS A 11 1.99 -1.47 4.87
N LYS A 12 1.44 -2.45 5.60
CA LYS A 12 1.05 -2.33 7.00
C LYS A 12 1.42 -3.63 7.72
N SER A 1 3.22 -7.97 4.65
CA SER A 1 2.09 -7.88 3.71
C SER A 1 1.90 -6.44 3.22
N CYS A 2 1.62 -6.26 1.93
CA CYS A 2 1.44 -4.96 1.30
C CYS A 2 0.32 -5.04 0.26
N HIS A 3 -0.17 -3.88 -0.17
CA HIS A 3 -1.29 -3.73 -1.08
C HIS A 3 -1.22 -2.33 -1.72
N PHE A 4 -2.02 -2.10 -2.78
CA PHE A 4 -2.14 -0.78 -3.37
C PHE A 4 -3.11 0.05 -2.53
N GLY A 5 -2.81 1.34 -2.35
CA GLY A 5 -3.58 2.25 -1.54
C GLY A 5 -3.43 3.69 -2.06
N PRO A 6 -3.88 4.69 -1.29
CA PRO A 6 -3.86 6.09 -1.70
C PRO A 6 -2.43 6.62 -1.85
N LEU A 7 -1.49 6.14 -1.02
CA LEU A 7 -0.09 6.55 -1.06
C LEU A 7 0.70 5.47 -1.82
N GLY A 8 0.32 5.27 -3.09
CA GLY A 8 0.97 4.32 -3.99
C GLY A 8 0.85 2.89 -3.44
N TRP A 9 1.98 2.18 -3.38
CA TRP A 9 2.04 0.85 -2.79
C TRP A 9 2.25 0.99 -1.28
N VAL A 10 1.22 0.65 -0.50
CA VAL A 10 1.18 0.80 0.94
C VAL A 10 1.49 -0.55 1.59
N CYS A 11 2.49 -0.60 2.47
CA CYS A 11 2.84 -1.79 3.23
C CYS A 11 2.24 -1.69 4.64
N LYS A 12 1.61 -2.78 5.08
CA LYS A 12 0.85 -2.87 6.32
C LYS A 12 1.79 -3.27 7.46
N SER A 1 2.01 -9.72 2.74
CA SER A 1 2.30 -8.81 1.63
C SER A 1 1.66 -7.44 1.82
N CYS A 2 2.20 -6.42 1.15
CA CYS A 2 1.64 -5.07 1.11
C CYS A 2 0.56 -5.00 0.03
N HIS A 3 0.00 -3.80 -0.20
CA HIS A 3 -1.18 -3.61 -1.04
C HIS A 3 -1.13 -2.26 -1.75
N PHE A 4 -2.03 -2.05 -2.72
CA PHE A 4 -2.23 -0.76 -3.36
C PHE A 4 -3.20 0.07 -2.52
N GLY A 5 -2.76 1.25 -2.08
CA GLY A 5 -3.54 2.17 -1.26
C GLY A 5 -3.31 3.62 -1.71
N PRO A 6 -3.71 4.60 -0.88
CA PRO A 6 -3.65 6.02 -1.18
C PRO A 6 -2.28 6.48 -1.70
N LEU A 7 -1.20 6.09 -1.02
CA LEU A 7 0.16 6.50 -1.36
C LEU A 7 0.83 5.37 -2.14
N GLY A 8 0.26 5.06 -3.31
CA GLY A 8 0.79 4.06 -4.22
C GLY A 8 0.79 2.67 -3.59
N TRP A 9 1.98 2.08 -3.43
CA TRP A 9 2.15 0.78 -2.81
C TRP A 9 2.29 0.97 -1.30
N VAL A 10 1.18 0.78 -0.58
CA VAL A 10 1.07 1.02 0.85
C VAL A 10 1.18 -0.31 1.59
N CYS A 11 2.01 -0.35 2.64
CA CYS A 11 2.16 -1.51 3.52
C CYS A 11 1.35 -1.29 4.79
N LYS A 12 0.77 -2.38 5.31
CA LYS A 12 -0.05 -2.36 6.52
C LYS A 12 0.83 -2.33 7.78
N SER A 1 3.70 -8.11 2.75
CA SER A 1 2.30 -7.73 3.03
C SER A 1 2.06 -6.25 2.70
N CYS A 2 1.83 -5.96 1.42
CA CYS A 2 1.55 -4.62 0.93
C CYS A 2 0.42 -4.67 -0.11
N HIS A 3 -0.16 -3.49 -0.39
CA HIS A 3 -1.33 -3.33 -1.22
C HIS A 3 -1.31 -1.94 -1.86
N PHE A 4 -2.03 -1.78 -2.98
CA PHE A 4 -2.21 -0.48 -3.61
C PHE A 4 -3.20 0.35 -2.77
N GLY A 5 -2.66 1.16 -1.86
CA GLY A 5 -3.41 2.11 -1.06
C GLY A 5 -3.40 3.48 -1.74
N PRO A 6 -3.79 4.56 -1.04
CA PRO A 6 -3.83 5.91 -1.57
C PRO A 6 -2.44 6.40 -1.98
N LEU A 7 -1.41 6.04 -1.20
CA LEU A 7 -0.03 6.43 -1.46
C LEU A 7 0.72 5.29 -2.16
N GLY A 8 0.15 4.79 -3.27
CA GLY A 8 0.74 3.73 -4.06
C GLY A 8 0.84 2.45 -3.26
N TRP A 9 1.99 1.78 -3.30
CA TRP A 9 2.24 0.60 -2.48
C TRP A 9 2.35 1.01 -1.02
N VAL A 10 1.27 0.79 -0.26
CA VAL A 10 1.19 0.98 1.17
C VAL A 10 1.35 -0.39 1.81
N CYS A 11 2.32 -0.51 2.72
CA CYS A 11 2.65 -1.76 3.39
C CYS A 11 2.03 -1.81 4.78
N LYS A 12 1.51 -2.99 5.15
CA LYS A 12 0.86 -3.25 6.42
C LYS A 12 0.96 -4.75 6.70
N SER A 1 1.87 -7.20 4.84
CA SER A 1 1.99 -7.19 3.36
C SER A 1 1.67 -5.81 2.79
N CYS A 2 2.25 -5.51 1.62
CA CYS A 2 1.89 -4.34 0.85
C CYS A 2 0.73 -4.67 -0.09
N HIS A 3 0.02 -3.60 -0.48
CA HIS A 3 -1.22 -3.61 -1.25
C HIS A 3 -1.38 -2.23 -1.86
N PHE A 4 -2.20 -2.10 -2.91
CA PHE A 4 -2.45 -0.78 -3.49
C PHE A 4 -3.34 0.03 -2.54
N GLY A 5 -2.90 1.26 -2.23
CA GLY A 5 -3.59 2.17 -1.34
C GLY A 5 -3.33 3.62 -1.75
N PRO A 6 -3.70 4.59 -0.88
CA PRO A 6 -3.59 6.02 -1.13
C PRO A 6 -2.21 6.45 -1.63
N LEU A 7 -1.14 6.02 -0.94
CA LEU A 7 0.23 6.39 -1.26
C LEU A 7 0.88 5.25 -2.06
N GLY A 8 0.28 4.95 -3.22
CA GLY A 8 0.79 3.96 -4.15
C GLY A 8 0.76 2.55 -3.55
N TRP A 9 1.93 1.97 -3.33
CA TRP A 9 2.09 0.61 -2.81
C TRP A 9 2.31 0.70 -1.30
N VAL A 10 1.22 0.58 -0.53
CA VAL A 10 1.17 0.83 0.90
C VAL A 10 1.23 -0.49 1.67
N CYS A 11 2.09 -0.57 2.68
CA CYS A 11 2.15 -1.66 3.65
C CYS A 11 1.42 -1.24 4.93
N LYS A 12 0.65 -2.18 5.50
CA LYS A 12 -0.06 -2.00 6.76
C LYS A 12 0.89 -2.26 7.93
N SER A 1 -0.82 -6.74 4.29
CA SER A 1 -0.03 -5.54 4.58
C SER A 1 0.29 -4.76 3.29
N CYS A 2 1.09 -5.36 2.40
CA CYS A 2 1.51 -4.79 1.14
C CYS A 2 0.43 -4.95 0.08
N HIS A 3 -0.32 -3.87 -0.15
CA HIS A 3 -1.37 -3.74 -1.16
C HIS A 3 -1.27 -2.35 -1.78
N PHE A 4 -1.94 -2.12 -2.92
CA PHE A 4 -2.03 -0.79 -3.50
C PHE A 4 -3.08 0.01 -2.72
N GLY A 5 -2.75 1.26 -2.36
CA GLY A 5 -3.62 2.13 -1.59
C GLY A 5 -3.39 3.59 -1.95
N PRO A 6 -3.86 4.53 -1.10
CA PRO A 6 -3.79 5.97 -1.31
C PRO A 6 -2.39 6.47 -1.66
N LEU A 7 -1.37 6.00 -0.93
CA LEU A 7 0.01 6.44 -1.08
C LEU A 7 0.77 5.43 -1.94
N GLY A 8 0.30 5.25 -3.18
CA GLY A 8 0.89 4.32 -4.14
C GLY A 8 0.83 2.89 -3.61
N TRP A 9 1.99 2.27 -3.41
CA TRP A 9 2.08 0.97 -2.76
C TRP A 9 2.19 1.16 -1.26
N VAL A 10 1.32 0.49 -0.50
CA VAL A 10 1.13 0.69 0.93
C VAL A 10 1.37 -0.64 1.64
N CYS A 11 2.47 -0.73 2.40
CA CYS A 11 2.80 -1.87 3.25
C CYS A 11 2.42 -1.52 4.69
N LYS A 12 1.15 -1.78 5.03
CA LYS A 12 0.58 -1.54 6.35
C LYS A 12 0.99 -2.71 7.26
N SER A 1 0.67 -5.72 5.46
CA SER A 1 -0.14 -5.82 4.24
C SER A 1 0.31 -4.83 3.18
N CYS A 2 1.04 -5.32 2.18
CA CYS A 2 1.48 -4.54 1.02
C CYS A 2 0.41 -4.63 -0.07
N HIS A 3 -0.24 -3.51 -0.37
CA HIS A 3 -1.36 -3.41 -1.29
C HIS A 3 -1.36 -2.04 -1.97
N PHE A 4 -2.10 -1.92 -3.07
CA PHE A 4 -2.29 -0.66 -3.77
C PHE A 4 -3.25 0.22 -2.96
N GLY A 5 -2.68 1.09 -2.13
CA GLY A 5 -3.40 2.01 -1.25
C GLY A 5 -3.37 3.43 -1.83
N PRO A 6 -3.80 4.44 -1.04
CA PRO A 6 -3.86 5.82 -1.47
C PRO A 6 -2.46 6.38 -1.77
N LEU A 7 -1.46 5.99 -0.99
CA LEU A 7 -0.08 6.42 -1.17
C LEU A 7 0.71 5.34 -1.90
N GLY A 8 0.20 4.92 -3.07
CA GLY A 8 0.87 3.99 -3.96
C GLY A 8 0.89 2.59 -3.34
N TRP A 9 2.07 1.99 -3.24
CA TRP A 9 2.26 0.66 -2.68
C TRP A 9 2.41 0.77 -1.16
N VAL A 10 1.32 0.58 -0.43
CA VAL A 10 1.21 0.84 1.00
C VAL A 10 1.37 -0.49 1.76
N CYS A 11 2.49 -0.61 2.47
CA CYS A 11 2.84 -1.75 3.31
C CYS A 11 2.54 -1.43 4.77
N LYS A 12 1.44 -1.99 5.30
CA LYS A 12 1.10 -1.93 6.71
C LYS A 12 1.93 -2.96 7.46
N SER A 1 1.59 -7.96 3.41
CA SER A 1 2.86 -7.40 2.93
C SER A 1 2.67 -5.96 2.43
N CYS A 2 2.15 -5.82 1.20
CA CYS A 2 1.86 -4.55 0.56
C CYS A 2 0.56 -4.68 -0.23
N HIS A 3 -0.37 -3.73 -0.02
CA HIS A 3 -1.59 -3.59 -0.81
C HIS A 3 -1.59 -2.20 -1.43
N PHE A 4 -2.08 -2.06 -2.67
CA PHE A 4 -2.14 -0.77 -3.32
C PHE A 4 -3.22 0.09 -2.69
N GLY A 5 -2.96 1.39 -2.56
CA GLY A 5 -3.85 2.34 -1.92
C GLY A 5 -3.48 3.77 -2.30
N PRO A 6 -3.98 4.77 -1.55
CA PRO A 6 -3.75 6.19 -1.80
C PRO A 6 -2.27 6.56 -1.97
N LEU A 7 -1.41 6.05 -1.08
CA LEU A 7 0.01 6.36 -1.07
C LEU A 7 0.78 5.24 -1.77
N GLY A 8 0.46 5.03 -3.05
CA GLY A 8 1.08 4.01 -3.88
C GLY A 8 0.88 2.62 -3.27
N TRP A 9 1.95 1.86 -3.12
CA TRP A 9 1.95 0.61 -2.38
C TRP A 9 2.04 0.90 -0.89
N VAL A 10 0.99 0.55 -0.14
CA VAL A 10 0.86 0.76 1.28
C VAL A 10 1.23 -0.55 1.97
N CYS A 11 2.42 -0.58 2.57
CA CYS A 11 3.01 -1.75 3.19
C CYS A 11 2.89 -1.70 4.71
N LYS A 12 2.98 -2.87 5.36
CA LYS A 12 2.93 -3.01 6.80
C LYS A 12 3.69 -4.27 7.24
N SER A 1 4.51 -7.47 1.58
CA SER A 1 3.21 -7.71 0.94
C SER A 1 2.30 -6.49 1.09
N CYS A 2 2.61 -5.42 0.35
CA CYS A 2 1.87 -4.17 0.41
C CYS A 2 0.59 -4.28 -0.42
N HIS A 3 -0.43 -3.49 -0.07
CA HIS A 3 -1.64 -3.30 -0.87
C HIS A 3 -1.53 -1.96 -1.59
N PHE A 4 -2.15 -1.85 -2.78
CA PHE A 4 -2.15 -0.60 -3.53
C PHE A 4 -3.19 0.35 -2.90
N GLY A 5 -2.72 1.18 -1.95
CA GLY A 5 -3.53 2.15 -1.25
C GLY A 5 -3.37 3.54 -1.86
N PRO A 6 -3.82 4.59 -1.14
CA PRO A 6 -3.75 5.98 -1.58
C PRO A 6 -2.35 6.40 -2.01
N LEU A 7 -1.33 6.05 -1.22
CA LEU A 7 0.06 6.41 -1.46
C LEU A 7 0.78 5.23 -2.12
N GLY A 8 0.21 4.72 -3.22
CA GLY A 8 0.79 3.63 -3.99
C GLY A 8 0.82 2.35 -3.16
N TRP A 9 1.93 1.61 -3.22
CA TRP A 9 2.10 0.38 -2.47
C TRP A 9 2.34 0.69 -0.99
N VAL A 10 1.26 0.62 -0.20
CA VAL A 10 1.25 0.86 1.23
C VAL A 10 1.27 -0.49 1.95
N CYS A 11 2.26 -0.70 2.82
CA CYS A 11 2.36 -1.87 3.70
C CYS A 11 1.85 -1.48 5.09
N LYS A 12 1.44 -2.50 5.85
CA LYS A 12 0.83 -2.36 7.16
C LYS A 12 1.94 -2.20 8.21
N SER A 1 5.05 -7.27 1.29
CA SER A 1 3.76 -7.59 0.66
C SER A 1 2.74 -6.48 0.90
N CYS A 2 2.93 -5.34 0.23
CA CYS A 2 2.07 -4.18 0.37
C CYS A 2 0.80 -4.35 -0.47
N HIS A 3 -0.30 -3.75 0.00
CA HIS A 3 -1.55 -3.63 -0.73
C HIS A 3 -1.56 -2.26 -1.42
N PHE A 4 -2.22 -2.14 -2.58
CA PHE A 4 -2.31 -0.86 -3.25
C PHE A 4 -3.30 0.03 -2.49
N GLY A 5 -2.94 1.31 -2.31
CA GLY A 5 -3.71 2.27 -1.55
C GLY A 5 -3.37 3.70 -1.99
N PRO A 6 -3.77 4.70 -1.19
CA PRO A 6 -3.58 6.12 -1.48
C PRO A 6 -2.14 6.49 -1.86
N LEU A 7 -1.16 6.02 -1.08
CA LEU A 7 0.25 6.34 -1.28
C LEU A 7 0.91 5.17 -2.02
N GLY A 8 0.43 4.89 -3.24
CA GLY A 8 0.96 3.86 -4.11
C GLY A 8 0.82 2.49 -3.46
N TRP A 9 1.95 1.81 -3.22
CA TRP A 9 2.00 0.54 -2.53
C TRP A 9 2.15 0.77 -1.03
N VAL A 10 1.05 0.58 -0.29
CA VAL A 10 0.94 0.82 1.14
C VAL A 10 1.08 -0.51 1.88
N CYS A 11 2.07 -0.62 2.77
CA CYS A 11 2.23 -1.75 3.67
C CYS A 11 1.66 -1.37 5.05
N LYS A 12 1.38 -2.38 5.87
CA LYS A 12 0.84 -2.23 7.22
C LYS A 12 1.32 -3.39 8.10
N SER A 1 0.29 -8.82 4.19
CA SER A 1 1.35 -8.24 3.34
C SER A 1 0.95 -6.87 2.79
N CYS A 2 1.75 -6.32 1.87
CA CYS A 2 1.52 -5.01 1.30
C CYS A 2 0.44 -5.07 0.21
N HIS A 3 -0.03 -3.89 -0.21
CA HIS A 3 -1.18 -3.71 -1.06
C HIS A 3 -1.08 -2.36 -1.77
N PHE A 4 -1.98 -2.10 -2.72
CA PHE A 4 -2.09 -0.77 -3.34
C PHE A 4 -3.11 0.05 -2.55
N GLY A 5 -2.78 1.31 -2.27
CA GLY A 5 -3.63 2.21 -1.50
C GLY A 5 -3.36 3.67 -1.89
N PRO A 6 -3.83 4.62 -1.06
CA PRO A 6 -3.74 6.06 -1.30
C PRO A 6 -2.33 6.55 -1.67
N LEU A 7 -1.31 6.10 -0.93
CA LEU A 7 0.08 6.49 -1.16
C LEU A 7 0.77 5.38 -1.95
N GLY A 8 0.31 5.19 -3.20
CA GLY A 8 0.88 4.25 -4.14
C GLY A 8 0.81 2.82 -3.60
N TRP A 9 1.97 2.17 -3.47
CA TRP A 9 2.07 0.86 -2.85
C TRP A 9 2.21 1.03 -1.33
N VAL A 10 1.13 0.74 -0.60
CA VAL A 10 1.03 0.92 0.84
C VAL A 10 1.27 -0.43 1.53
N CYS A 11 2.22 -0.45 2.47
CA CYS A 11 2.52 -1.63 3.28
C CYS A 11 1.86 -1.53 4.65
N LYS A 12 1.77 -2.67 5.34
CA LYS A 12 1.22 -2.78 6.68
C LYS A 12 1.91 -3.93 7.43
N SER A 1 0.60 -6.93 4.65
CA SER A 1 1.60 -6.70 3.60
C SER A 1 1.23 -5.49 2.74
N CYS A 2 1.97 -5.27 1.65
CA CYS A 2 1.77 -4.13 0.76
C CYS A 2 0.65 -4.40 -0.23
N HIS A 3 -0.10 -3.33 -0.53
CA HIS A 3 -1.27 -3.32 -1.39
C HIS A 3 -1.37 -1.93 -2.03
N PHE A 4 -2.21 -1.80 -3.06
CA PHE A 4 -2.45 -0.55 -3.74
C PHE A 4 -3.35 0.35 -2.89
N GLY A 5 -2.73 1.03 -1.91
CA GLY A 5 -3.36 1.96 -1.00
C GLY A 5 -3.34 3.39 -1.57
N PRO A 6 -3.56 4.41 -0.74
CA PRO A 6 -3.69 5.79 -1.18
C PRO A 6 -2.36 6.33 -1.74
N LEU A 7 -1.25 6.02 -1.07
CA LEU A 7 0.08 6.45 -1.48
C LEU A 7 0.79 5.30 -2.21
N GLY A 8 0.10 4.70 -3.19
CA GLY A 8 0.65 3.66 -4.03
C GLY A 8 0.78 2.34 -3.27
N TRP A 9 1.97 1.74 -3.31
CA TRP A 9 2.22 0.41 -2.75
C TRP A 9 2.50 0.53 -1.25
N VAL A 10 1.43 0.63 -0.45
CA VAL A 10 1.48 0.91 0.98
C VAL A 10 1.32 -0.40 1.76
N CYS A 11 2.17 -0.59 2.78
CA CYS A 11 2.15 -1.74 3.68
C CYS A 11 1.44 -1.37 4.98
N LYS A 12 0.53 -2.24 5.42
CA LYS A 12 -0.14 -2.20 6.70
C LYS A 12 -0.22 -3.63 7.27
N SER A 1 3.77 -6.94 3.89
CA SER A 1 2.31 -7.04 3.63
C SER A 1 1.80 -5.78 2.92
N CYS A 2 2.22 -5.59 1.67
CA CYS A 2 1.85 -4.44 0.85
C CYS A 2 0.69 -4.74 -0.09
N HIS A 3 0.01 -3.66 -0.48
CA HIS A 3 -1.24 -3.62 -1.21
C HIS A 3 -1.36 -2.25 -1.85
N PHE A 4 -2.23 -2.10 -2.85
CA PHE A 4 -2.47 -0.78 -3.44
C PHE A 4 -3.31 0.05 -2.48
N GLY A 5 -2.80 1.22 -2.10
CA GLY A 5 -3.42 2.17 -1.20
C GLY A 5 -3.29 3.60 -1.75
N PRO A 6 -3.64 4.61 -0.96
CA PRO A 6 -3.66 6.00 -1.39
C PRO A 6 -2.26 6.52 -1.73
N LEU A 7 -1.23 6.10 -0.99
CA LEU A 7 0.16 6.45 -1.25
C LEU A 7 0.81 5.30 -2.03
N GLY A 8 0.27 5.01 -3.22
CA GLY A 8 0.81 4.03 -4.14
C GLY A 8 0.75 2.62 -3.56
N TRP A 9 1.93 2.02 -3.33
CA TRP A 9 2.08 0.66 -2.82
C TRP A 9 2.33 0.72 -1.32
N VAL A 10 1.25 0.61 -0.54
CA VAL A 10 1.23 0.84 0.90
C VAL A 10 1.30 -0.49 1.65
N CYS A 11 2.11 -0.57 2.70
CA CYS A 11 2.17 -1.71 3.62
C CYS A 11 1.37 -1.42 4.88
N LYS A 12 0.78 -2.48 5.46
CA LYS A 12 -0.05 -2.42 6.64
C LYS A 12 0.84 -2.34 7.88
N SER A 1 2.68 -7.44 5.18
CA SER A 1 1.62 -7.33 4.16
C SER A 1 1.69 -5.99 3.43
N CYS A 2 1.49 -6.00 2.11
CA CYS A 2 1.41 -4.80 1.30
C CYS A 2 0.32 -4.94 0.24
N HIS A 3 -0.19 -3.81 -0.23
CA HIS A 3 -1.33 -3.68 -1.13
C HIS A 3 -1.27 -2.30 -1.78
N PHE A 4 -1.95 -2.10 -2.90
CA PHE A 4 -2.08 -0.77 -3.48
C PHE A 4 -3.12 0.02 -2.70
N GLY A 5 -2.83 1.30 -2.43
CA GLY A 5 -3.70 2.18 -1.66
C GLY A 5 -3.42 3.64 -2.00
N PRO A 6 -3.89 4.58 -1.14
CA PRO A 6 -3.77 6.02 -1.34
C PRO A 6 -2.35 6.48 -1.64
N LEU A 7 -1.37 5.99 -0.88
CA LEU A 7 0.02 6.39 -1.01
C LEU A 7 0.77 5.35 -1.84
N GLY A 8 0.34 5.18 -3.09
CA GLY A 8 0.93 4.25 -4.04
C GLY A 8 0.86 2.82 -3.52
N TRP A 9 2.01 2.17 -3.38
CA TRP A 9 2.11 0.85 -2.79
C TRP A 9 2.22 1.00 -1.27
N VAL A 10 1.17 0.62 -0.55
CA VAL A 10 1.02 0.80 0.89
C VAL A 10 1.35 -0.51 1.59
N CYS A 11 2.42 -0.50 2.40
CA CYS A 11 2.85 -1.63 3.20
C CYS A 11 2.37 -1.43 4.64
N LYS A 12 1.14 -1.90 4.91
CA LYS A 12 0.53 -1.92 6.23
C LYS A 12 -0.21 -3.25 6.39
N SER A 1 0.74 -5.68 5.65
CA SER A 1 -0.20 -5.73 4.53
C SER A 1 0.28 -4.87 3.36
N CYS A 2 0.99 -5.49 2.41
CA CYS A 2 1.47 -4.87 1.19
C CYS A 2 0.39 -4.97 0.10
N HIS A 3 -0.27 -3.84 -0.17
CA HIS A 3 -1.36 -3.70 -1.13
C HIS A 3 -1.25 -2.33 -1.79
N PHE A 4 -1.95 -2.11 -2.91
CA PHE A 4 -2.04 -0.77 -3.49
C PHE A 4 -3.10 0.02 -2.74
N GLY A 5 -2.77 1.28 -2.40
CA GLY A 5 -3.65 2.15 -1.64
C GLY A 5 -3.42 3.61 -2.00
N PRO A 6 -3.91 4.56 -1.17
CA PRO A 6 -3.83 5.99 -1.39
C PRO A 6 -2.42 6.49 -1.71
N LEU A 7 -1.42 6.02 -0.96
CA LEU A 7 -0.04 6.47 -1.08
C LEU A 7 0.74 5.45 -1.92
N GLY A 8 0.30 5.27 -3.16
CA GLY A 8 0.90 4.34 -4.11
C GLY A 8 0.83 2.91 -3.58
N TRP A 9 1.99 2.28 -3.37
CA TRP A 9 2.07 0.98 -2.72
C TRP A 9 2.19 1.19 -1.22
N VAL A 10 1.36 0.47 -0.45
CA VAL A 10 1.16 0.64 0.97
C VAL A 10 1.41 -0.69 1.68
N CYS A 11 2.54 -0.79 2.38
CA CYS A 11 2.88 -1.92 3.25
C CYS A 11 2.57 -1.52 4.69
N LYS A 12 1.29 -1.67 5.06
CA LYS A 12 0.80 -1.38 6.40
C LYS A 12 1.14 -2.57 7.31
N SER A 1 0.39 -5.33 5.78
CA SER A 1 -0.19 -5.75 4.50
C SER A 1 0.30 -4.87 3.35
N CYS A 2 1.00 -5.48 2.38
CA CYS A 2 1.49 -4.83 1.17
C CYS A 2 0.40 -4.94 0.09
N HIS A 3 -0.27 -3.82 -0.17
CA HIS A 3 -1.36 -3.70 -1.13
C HIS A 3 -1.30 -2.31 -1.76
N PHE A 4 -1.93 -2.11 -2.92
CA PHE A 4 -2.04 -0.79 -3.51
C PHE A 4 -3.11 0.02 -2.76
N GLY A 5 -2.80 1.28 -2.43
CA GLY A 5 -3.68 2.15 -1.68
C GLY A 5 -3.42 3.62 -2.01
N PRO A 6 -3.90 4.55 -1.17
CA PRO A 6 -3.81 5.98 -1.37
C PRO A 6 -2.39 6.48 -1.67
N LEU A 7 -1.40 5.98 -0.92
CA LEU A 7 -0.02 6.41 -1.03
C LEU A 7 0.75 5.40 -1.88
N GLY A 8 0.32 5.23 -3.13
CA GLY A 8 0.92 4.32 -4.08
C GLY A 8 0.84 2.89 -3.57
N TRP A 9 2.00 2.25 -3.36
CA TRP A 9 2.09 0.94 -2.74
C TRP A 9 2.20 1.13 -1.22
N VAL A 10 1.31 0.46 -0.48
CA VAL A 10 1.10 0.66 0.95
C VAL A 10 1.37 -0.67 1.67
N CYS A 11 2.52 -0.76 2.34
CA CYS A 11 2.89 -1.85 3.24
C CYS A 11 2.63 -1.40 4.67
N LYS A 12 1.36 -1.48 5.10
CA LYS A 12 0.91 -1.11 6.43
C LYS A 12 -0.15 -2.10 6.89
N SER A 1 1.82 -7.18 5.35
CA SER A 1 0.95 -6.99 4.18
C SER A 1 1.40 -5.79 3.34
N CYS A 2 1.19 -5.89 2.02
CA CYS A 2 1.42 -4.80 1.07
C CYS A 2 0.33 -4.83 0.00
N HIS A 3 -0.11 -3.64 -0.42
CA HIS A 3 -1.28 -3.45 -1.26
C HIS A 3 -1.22 -2.08 -1.94
N PHE A 4 -2.00 -1.90 -3.01
CA PHE A 4 -2.18 -0.61 -3.64
C PHE A 4 -3.14 0.24 -2.79
N GLY A 5 -2.57 1.11 -1.96
CA GLY A 5 -3.29 2.02 -1.08
C GLY A 5 -3.34 3.42 -1.70
N PRO A 6 -3.74 4.44 -0.92
CA PRO A 6 -3.87 5.81 -1.39
C PRO A 6 -2.51 6.40 -1.78
N LEU A 7 -1.45 6.05 -1.04
CA LEU A 7 -0.09 6.53 -1.29
C LEU A 7 0.69 5.45 -2.04
N GLY A 8 0.14 4.99 -3.17
CA GLY A 8 0.80 4.03 -4.05
C GLY A 8 0.86 2.65 -3.40
N TRP A 9 2.02 2.01 -3.44
CA TRP A 9 2.22 0.70 -2.84
C TRP A 9 2.45 0.87 -1.33
N VAL A 10 1.39 0.72 -0.54
CA VAL A 10 1.37 0.92 0.90
C VAL A 10 1.47 -0.43 1.58
N CYS A 11 2.30 -0.51 2.63
CA CYS A 11 2.48 -1.71 3.45
C CYS A 11 2.09 -1.41 4.90
N LYS A 12 1.53 -2.42 5.58
CA LYS A 12 1.08 -2.36 6.96
C LYS A 12 1.42 -3.69 7.65
N SER A 1 2.17 -7.29 5.18
CA SER A 1 1.23 -7.14 4.06
C SER A 1 1.52 -5.87 3.27
N CYS A 2 1.32 -5.91 1.94
CA CYS A 2 1.43 -4.77 1.06
C CYS A 2 0.34 -4.81 0.00
N HIS A 3 -0.11 -3.63 -0.43
CA HIS A 3 -1.30 -3.45 -1.25
C HIS A 3 -1.24 -2.09 -1.95
N PHE A 4 -2.04 -1.91 -2.99
CA PHE A 4 -2.22 -0.61 -3.64
C PHE A 4 -3.16 0.24 -2.78
N GLY A 5 -2.57 1.11 -1.96
CA GLY A 5 -3.28 2.02 -1.08
C GLY A 5 -3.33 3.42 -1.69
N PRO A 6 -3.73 4.44 -0.91
CA PRO A 6 -3.86 5.82 -1.38
C PRO A 6 -2.49 6.40 -1.79
N LEU A 7 -1.43 6.05 -1.04
CA LEU A 7 -0.08 6.52 -1.30
C LEU A 7 0.71 5.44 -2.05
N GLY A 8 0.15 4.99 -3.18
CA GLY A 8 0.80 4.03 -4.06
C GLY A 8 0.85 2.65 -3.41
N TRP A 9 2.02 2.00 -3.44
CA TRP A 9 2.22 0.69 -2.83
C TRP A 9 2.45 0.88 -1.32
N VAL A 10 1.39 0.72 -0.54
CA VAL A 10 1.38 0.93 0.90
C VAL A 10 1.47 -0.43 1.59
N CYS A 11 2.25 -0.48 2.69
CA CYS A 11 2.46 -1.69 3.48
C CYS A 11 2.05 -1.44 4.94
N LYS A 12 1.58 -2.52 5.60
CA LYS A 12 1.18 -2.53 6.99
C LYS A 12 1.60 -3.87 7.61
N SER A 1 0.82 -8.74 3.34
CA SER A 1 2.03 -7.97 3.69
C SER A 1 1.93 -6.53 3.21
N CYS A 2 1.72 -6.34 1.91
CA CYS A 2 1.53 -5.03 1.30
C CYS A 2 0.43 -5.09 0.24
N HIS A 3 -0.01 -3.91 -0.22
CA HIS A 3 -1.19 -3.73 -1.04
C HIS A 3 -1.09 -2.37 -1.76
N PHE A 4 -2.01 -2.11 -2.70
CA PHE A 4 -2.15 -0.79 -3.29
C PHE A 4 -3.10 0.05 -2.44
N GLY A 5 -2.76 1.32 -2.24
CA GLY A 5 -3.52 2.24 -1.41
C GLY A 5 -3.36 3.68 -1.93
N PRO A 6 -3.79 4.68 -1.15
CA PRO A 6 -3.80 6.08 -1.57
C PRO A 6 -2.39 6.63 -1.78
N LEU A 7 -1.41 6.18 -0.99
CA LEU A 7 -0.01 6.57 -1.16
C LEU A 7 0.72 5.46 -1.92
N GLY A 8 0.29 5.25 -3.17
CA GLY A 8 0.90 4.29 -4.08
C GLY A 8 0.82 2.87 -3.52
N TRP A 9 1.95 2.17 -3.47
CA TRP A 9 2.04 0.85 -2.87
C TRP A 9 2.24 1.00 -1.35
N VAL A 10 1.19 0.73 -0.58
CA VAL A 10 1.15 0.90 0.87
C VAL A 10 1.37 -0.47 1.52
N CYS A 11 2.28 -0.53 2.50
CA CYS A 11 2.55 -1.75 3.26
C CYS A 11 1.82 -1.72 4.59
N LYS A 12 1.40 -2.90 5.05
CA LYS A 12 0.57 -3.07 6.24
C LYS A 12 1.45 -3.06 7.49
N SER A 1 2.25 -8.59 2.02
CA SER A 1 3.26 -7.61 2.45
C SER A 1 2.77 -6.17 2.28
N CYS A 2 2.35 -5.82 1.04
CA CYS A 2 1.83 -4.50 0.71
C CYS A 2 0.61 -4.64 -0.20
N HIS A 3 -0.34 -3.71 -0.03
CA HIS A 3 -1.55 -3.60 -0.83
C HIS A 3 -1.57 -2.20 -1.45
N PHE A 4 -2.09 -2.07 -2.66
CA PHE A 4 -2.17 -0.78 -3.32
C PHE A 4 -3.23 0.08 -2.63
N GLY A 5 -2.96 1.38 -2.52
CA GLY A 5 -3.83 2.34 -1.84
C GLY A 5 -3.47 3.77 -2.23
N PRO A 6 -3.94 4.76 -1.46
CA PRO A 6 -3.73 6.18 -1.72
C PRO A 6 -2.26 6.56 -1.95
N LEU A 7 -1.36 6.05 -1.09
CA LEU A 7 0.06 6.37 -1.13
C LEU A 7 0.80 5.24 -1.83
N GLY A 8 0.46 5.02 -3.11
CA GLY A 8 1.05 4.00 -3.95
C GLY A 8 0.85 2.62 -3.33
N TRP A 9 1.93 1.85 -3.18
CA TRP A 9 1.92 0.60 -2.43
C TRP A 9 2.05 0.91 -0.94
N VAL A 10 1.00 0.57 -0.18
CA VAL A 10 0.89 0.80 1.24
C VAL A 10 1.24 -0.52 1.93
N CYS A 11 2.35 -0.53 2.68
CA CYS A 11 2.94 -1.72 3.26
C CYS A 11 2.55 -1.87 4.73
N LYS A 12 2.35 -3.12 5.15
CA LYS A 12 1.94 -3.47 6.50
C LYS A 12 3.15 -3.42 7.43
#